data_5H57
#
_entry.id   5H57
#
_cell.length_a   79.900
_cell.length_b   104.500
_cell.length_c   66.400
_cell.angle_alpha   90.00
_cell.angle_beta   90.00
_cell.angle_gamma   90.00
#
_symmetry.space_group_name_H-M   'P 21 21 21'
#
loop_
_entity.id
_entity.type
_entity.pdbx_description
1 polymer 'Ferredoxin-3, chloroplastic'
2 non-polymer 'FE2/S2 (INORGANIC) CLUSTER'
3 water water
#
_entity_poly.entity_id   1
_entity_poly.type   'polypeptide(L)'
_entity_poly.pdbx_seq_one_letter_code
;AVYKVKLVGPEGEEHEFDAPDDAYILDAAETAGVELPYSCRAGACSTCAGKIESGSVDQSDGSFLDDGQQEEGYVLTCVS
YPKSDCVIHTHKEGDLY
;
_entity_poly.pdbx_strand_id   A,B,C,D,E,F
#
# COMPACT_ATOMS: atom_id res chain seq x y z
N ALA A 1 9.00 22.24 16.48
CA ALA A 1 10.35 21.67 16.25
C ALA A 1 10.27 20.42 15.38
N VAL A 2 11.32 20.15 14.63
CA VAL A 2 11.38 18.97 13.78
C VAL A 2 12.54 18.12 14.24
N TYR A 3 12.27 16.89 14.66
CA TYR A 3 13.33 16.02 15.12
C TYR A 3 13.74 15.00 14.08
N LYS A 4 14.81 14.29 14.38
CA LYS A 4 15.32 13.27 13.48
C LYS A 4 14.97 11.93 14.10
N VAL A 5 14.28 11.08 13.35
CA VAL A 5 13.91 9.76 13.84
C VAL A 5 14.55 8.67 13.00
N LYS A 6 15.15 7.70 13.66
CA LYS A 6 15.76 6.57 12.98
C LYS A 6 15.02 5.30 13.41
N LEU A 7 14.56 4.53 12.42
CA LEU A 7 13.87 3.29 12.69
C LEU A 7 14.80 2.15 12.30
N VAL A 8 14.83 1.10 13.12
CA VAL A 8 15.66 -0.06 12.84
C VAL A 8 14.76 -1.28 12.71
N GLY A 9 14.71 -1.85 11.52
CA GLY A 9 13.86 -3.00 11.27
C GLY A 9 14.38 -4.36 11.72
N PRO A 10 13.53 -5.40 11.65
CA PRO A 10 13.91 -6.76 12.06
C PRO A 10 15.08 -7.38 11.30
N GLU A 11 15.36 -6.90 10.09
CA GLU A 11 16.47 -7.43 9.30
C GLU A 11 17.70 -6.51 9.40
N GLY A 12 17.63 -5.51 10.26
CA GLY A 12 18.76 -4.61 10.40
C GLY A 12 18.69 -3.40 9.47
N GLU A 13 17.63 -3.34 8.65
CA GLU A 13 17.47 -2.21 7.73
C GLU A 13 17.20 -0.95 8.56
N GLU A 14 17.62 0.20 8.06
CA GLU A 14 17.40 1.45 8.76
C GLU A 14 16.72 2.52 7.92
N HIS A 15 15.92 3.36 8.59
CA HIS A 15 15.21 4.45 7.95
C HIS A 15 15.41 5.68 8.81
N GLU A 16 15.80 6.80 8.18
CA GLU A 16 16.01 8.03 8.91
C GLU A 16 15.25 9.14 8.21
N PHE A 17 14.49 9.92 8.96
CA PHE A 17 13.69 10.99 8.38
C PHE A 17 13.32 12.07 9.38
N ASP A 18 12.76 13.17 8.86
CA ASP A 18 12.34 14.29 9.70
C ASP A 18 10.98 13.97 10.29
N ALA A 19 10.83 14.26 11.58
CA ALA A 19 9.58 14.00 12.27
C ALA A 19 9.16 15.25 13.04
N PRO A 20 8.09 15.92 12.58
CA PRO A 20 7.59 17.12 13.26
C PRO A 20 7.15 16.76 14.66
N ASP A 21 7.28 17.69 15.61
CA ASP A 21 6.89 17.41 16.98
C ASP A 21 5.37 17.34 17.16
N ASP A 22 4.63 17.71 16.12
CA ASP A 22 3.17 17.65 16.20
C ASP A 22 2.57 16.60 15.25
N ALA A 23 3.35 15.58 14.95
CA ALA A 23 2.89 14.50 14.09
C ALA A 23 3.28 13.16 14.69
N TYR A 24 2.44 12.15 14.51
CA TYR A 24 2.73 10.83 15.03
C TYR A 24 3.87 10.24 14.23
N ILE A 25 4.74 9.49 14.92
CA ILE A 25 5.87 8.88 14.26
C ILE A 25 5.46 7.98 13.08
N LEU A 26 4.35 7.26 13.24
CA LEU A 26 3.89 6.39 12.16
C LEU A 26 3.55 7.23 10.93
N ASP A 27 2.91 8.37 11.11
CA ASP A 27 2.55 9.22 9.97
C ASP A 27 3.78 9.84 9.33
N ALA A 28 4.76 10.20 10.15
CA ALA A 28 6.00 10.79 9.65
C ALA A 28 6.77 9.74 8.84
N ALA A 29 6.72 8.49 9.31
CA ALA A 29 7.40 7.40 8.63
C ALA A 29 6.79 7.14 7.26
N GLU A 30 5.47 7.18 7.17
CA GLU A 30 4.79 6.96 5.89
C GLU A 30 5.11 8.07 4.91
N THR A 31 5.20 9.30 5.41
CA THR A 31 5.55 10.41 4.55
C THR A 31 6.93 10.16 3.96
N ALA A 32 7.78 9.50 4.73
CA ALA A 32 9.15 9.19 4.29
C ALA A 32 9.26 7.89 3.50
N GLY A 33 8.12 7.32 3.13
CA GLY A 33 8.11 6.10 2.34
C GLY A 33 8.43 4.80 3.07
N VAL A 34 8.18 4.75 4.37
CA VAL A 34 8.43 3.55 5.15
C VAL A 34 7.11 2.83 5.43
N GLU A 35 7.07 1.54 5.12
CA GLU A 35 5.87 0.75 5.37
C GLU A 35 6.03 0.05 6.73
N LEU A 36 5.22 0.48 7.69
CA LEU A 36 5.28 -0.10 9.03
C LEU A 36 3.99 -0.82 9.37
N PRO A 37 4.07 -1.81 10.25
CA PRO A 37 2.85 -2.53 10.63
C PRO A 37 1.98 -1.65 11.50
N TYR A 38 0.66 -1.75 11.33
CA TYR A 38 -0.28 -0.99 12.12
C TYR A 38 -1.65 -1.58 11.85
N SER A 39 -2.63 -1.24 12.69
CA SER A 39 -3.97 -1.76 12.53
C SER A 39 -5.04 -0.75 12.95
N CYS A 40 -5.23 -0.57 14.25
CA CYS A 40 -6.25 0.35 14.72
C CYS A 40 -5.91 1.82 14.56
N ARG A 41 -4.61 2.14 14.54
CA ARG A 41 -4.14 3.52 14.43
C ARG A 41 -4.78 4.43 15.49
N ALA A 42 -5.18 3.86 16.61
CA ALA A 42 -5.82 4.65 17.67
C ALA A 42 -5.22 4.40 19.06
N GLY A 43 -4.10 3.68 19.12
CA GLY A 43 -3.45 3.40 20.38
C GLY A 43 -4.18 2.37 21.23
N ALA A 44 -4.97 1.52 20.60
CA ALA A 44 -5.74 0.51 21.32
C ALA A 44 -5.36 -0.93 21.02
N CYS A 45 -4.20 -1.15 20.40
CA CYS A 45 -3.76 -2.51 20.12
C CYS A 45 -2.25 -2.60 20.21
N SER A 46 -1.66 -3.70 19.75
CA SER A 46 -0.21 -3.86 19.84
C SER A 46 0.53 -3.99 18.51
N THR A 47 -0.21 -3.93 17.41
CA THR A 47 0.37 -4.10 16.08
C THR A 47 1.54 -3.19 15.71
N CYS A 48 1.46 -1.92 16.08
CA CYS A 48 2.49 -0.95 15.74
C CYS A 48 3.57 -0.79 16.81
N ALA A 49 3.62 -1.74 17.74
CA ALA A 49 4.59 -1.67 18.83
C ALA A 49 6.03 -1.57 18.37
N GLY A 50 6.76 -0.67 19.04
CA GLY A 50 8.17 -0.48 18.74
C GLY A 50 8.88 -0.37 20.07
N LYS A 51 10.19 -0.21 20.07
CA LYS A 51 10.93 -0.10 21.31
C LYS A 51 11.99 1.00 21.21
N ILE A 52 11.91 1.95 22.13
CA ILE A 52 12.85 3.06 22.17
C ILE A 52 14.25 2.61 22.57
N GLU A 53 15.24 3.00 21.78
CA GLU A 53 16.62 2.68 22.11
C GLU A 53 17.19 3.95 22.73
N SER A 54 16.78 5.10 22.20
CA SER A 54 17.21 6.38 22.73
C SER A 54 16.24 7.47 22.29
N GLY A 55 16.19 8.54 23.06
CA GLY A 55 15.30 9.63 22.74
C GLY A 55 14.03 9.41 23.54
N SER A 56 13.07 10.30 23.42
CA SER A 56 11.83 10.14 24.17
C SER A 56 10.62 10.55 23.35
N VAL A 57 9.47 10.04 23.74
CA VAL A 57 8.24 10.34 23.02
C VAL A 57 7.09 10.62 23.97
N ASP A 58 6.01 11.15 23.40
CA ASP A 58 4.79 11.42 24.15
C ASP A 58 3.76 10.49 23.52
N GLN A 59 3.42 9.43 24.22
CA GLN A 59 2.43 8.49 23.71
C GLN A 59 1.21 8.43 24.60
N SER A 60 0.93 9.55 25.26
CA SER A 60 -0.22 9.65 26.15
C SER A 60 -1.56 9.41 25.43
N ASP A 61 -1.59 9.57 24.11
CA ASP A 61 -2.83 9.32 23.37
C ASP A 61 -3.10 7.82 23.27
N GLY A 62 -2.12 7.02 23.70
CA GLY A 62 -2.28 5.58 23.65
C GLY A 62 -2.85 5.06 24.95
N SER A 63 -3.38 3.85 24.95
CA SER A 63 -3.96 3.29 26.16
C SER A 63 -3.84 1.77 26.24
N PHE A 64 -3.06 1.17 25.35
CA PHE A 64 -2.92 -0.28 25.37
C PHE A 64 -1.81 -0.78 26.27
N LEU A 65 -0.72 -0.03 26.34
CA LEU A 65 0.43 -0.43 27.15
C LEU A 65 0.31 0.00 28.60
N ASP A 66 0.70 -0.87 29.52
CA ASP A 66 0.65 -0.51 30.94
C ASP A 66 2.00 0.14 31.28
N ASP A 67 2.07 0.79 32.43
CA ASP A 67 3.29 1.49 32.84
C ASP A 67 4.54 0.64 32.82
N GLY A 68 4.40 -0.64 33.13
CA GLY A 68 5.55 -1.52 33.10
C GLY A 68 6.17 -1.55 31.73
N GLN A 69 5.32 -1.87 30.73
CA GLN A 69 5.77 -1.95 29.35
C GLN A 69 6.34 -0.61 28.87
N GLN A 70 5.71 0.48 29.28
CA GLN A 70 6.21 1.80 28.90
C GLN A 70 7.57 2.04 29.53
N GLU A 71 7.75 1.62 30.79
CA GLU A 71 9.03 1.77 31.49
C GLU A 71 10.14 1.07 30.71
N GLU A 72 9.85 -0.11 30.20
CA GLU A 72 10.83 -0.88 29.44
C GLU A 72 11.20 -0.26 28.10
N GLY A 73 10.45 0.75 27.67
CA GLY A 73 10.76 1.40 26.41
C GLY A 73 9.84 1.09 25.25
N TYR A 74 8.75 0.37 25.48
CA TYR A 74 7.83 0.07 24.39
C TYR A 74 6.96 1.29 24.09
N VAL A 75 6.74 1.52 22.80
CA VAL A 75 5.92 2.63 22.35
C VAL A 75 4.97 2.22 21.23
N LEU A 76 3.80 2.84 21.19
CA LEU A 76 2.84 2.58 20.14
C LEU A 76 3.11 3.68 19.12
N THR A 77 3.80 3.33 18.04
CA THR A 77 4.19 4.28 17.01
C THR A 77 3.06 5.08 16.37
N CYS A 78 1.85 4.52 16.33
CA CYS A 78 0.74 5.21 15.72
C CYS A 78 0.23 6.42 16.54
N VAL A 79 0.61 6.51 17.80
CA VAL A 79 0.17 7.63 18.64
C VAL A 79 1.32 8.25 19.43
N SER A 80 2.53 8.14 18.88
CA SER A 80 3.72 8.69 19.53
C SER A 80 4.22 9.97 18.88
N TYR A 81 4.39 11.02 19.69
CA TYR A 81 4.94 12.27 19.19
C TYR A 81 6.39 12.28 19.63
N PRO A 82 7.32 12.62 18.72
CA PRO A 82 8.71 12.64 19.14
C PRO A 82 8.97 13.91 19.97
N LYS A 83 9.79 13.78 21.00
CA LYS A 83 10.12 14.93 21.85
C LYS A 83 11.61 15.23 21.76
N SER A 84 12.30 14.50 20.90
CA SER A 84 13.72 14.67 20.67
C SER A 84 14.08 13.72 19.54
N ASP A 85 15.36 13.67 19.19
CA ASP A 85 15.79 12.75 18.15
C ASP A 85 15.59 11.36 18.75
N CYS A 86 15.15 10.42 17.93
CA CYS A 86 14.89 9.06 18.40
C CYS A 86 15.47 7.97 17.54
N VAL A 87 15.68 6.82 18.18
CA VAL A 87 16.14 5.61 17.53
C VAL A 87 15.16 4.60 18.07
N ILE A 88 14.32 4.08 17.19
CA ILE A 88 13.30 3.12 17.59
C ILE A 88 13.38 1.81 16.78
N HIS A 89 13.24 0.69 17.48
CA HIS A 89 13.24 -0.62 16.83
C HIS A 89 11.77 -0.97 16.60
N THR A 90 11.43 -1.20 15.34
CA THR A 90 10.05 -1.49 14.95
C THR A 90 9.69 -2.98 14.97
N HIS A 91 8.47 -3.29 14.54
CA HIS A 91 7.98 -4.66 14.48
C HIS A 91 8.19 -5.45 15.77
N LYS A 92 7.82 -4.85 16.89
CA LYS A 92 8.00 -5.49 18.19
C LYS A 92 6.74 -6.07 18.81
N GLU A 93 5.69 -6.20 18.00
CA GLU A 93 4.44 -6.74 18.49
C GLU A 93 4.62 -8.08 19.20
N GLY A 94 5.56 -8.88 18.72
CA GLY A 94 5.80 -10.19 19.30
C GLY A 94 6.23 -10.15 20.76
N ASP A 95 6.90 -9.06 21.16
CA ASP A 95 7.36 -8.91 22.54
C ASP A 95 6.21 -8.71 23.53
N LEU A 96 5.07 -8.26 23.04
CA LEU A 96 3.93 -7.97 23.91
C LEU A 96 2.87 -9.05 24.11
N TYR A 97 3.31 -10.28 24.33
CA TYR A 97 2.35 -11.36 24.57
C TYR A 97 2.38 -11.76 26.04
N ALA B 1 27.56 -12.06 -3.64
CA ALA B 1 27.91 -10.97 -2.69
C ALA B 1 26.68 -10.15 -2.32
N VAL B 2 26.71 -9.57 -1.12
CA VAL B 2 25.62 -8.73 -0.64
C VAL B 2 26.18 -7.35 -0.37
N TYR B 3 25.66 -6.36 -1.07
CA TYR B 3 26.14 -4.99 -0.90
C TYR B 3 25.22 -4.16 -0.01
N LYS B 4 25.72 -2.99 0.37
CA LYS B 4 24.96 -2.08 1.20
C LYS B 4 24.46 -0.96 0.27
N VAL B 5 23.16 -0.75 0.25
CA VAL B 5 22.60 0.30 -0.58
C VAL B 5 21.92 1.35 0.28
N LYS B 6 22.21 2.61 -0.01
CA LYS B 6 21.58 3.71 0.71
C LYS B 6 20.76 4.53 -0.28
N LEU B 7 19.49 4.75 0.04
CA LEU B 7 18.63 5.54 -0.82
C LEU B 7 18.38 6.88 -0.12
N VAL B 8 18.39 7.97 -0.89
CA VAL B 8 18.13 9.29 -0.34
C VAL B 8 16.91 9.86 -1.04
N GLY B 9 15.84 10.08 -0.26
CA GLY B 9 14.60 10.59 -0.82
C GLY B 9 14.53 12.08 -1.06
N PRO B 10 13.46 12.55 -1.71
CA PRO B 10 13.26 13.97 -2.00
C PRO B 10 13.17 14.90 -0.79
N GLU B 11 12.83 14.34 0.38
CA GLU B 11 12.74 15.16 1.59
C GLU B 11 13.99 14.98 2.46
N GLY B 12 15.00 14.29 1.93
CA GLY B 12 16.21 14.09 2.69
C GLY B 12 16.17 12.83 3.56
N GLU B 13 15.07 12.09 3.49
CA GLU B 13 14.94 10.86 4.27
C GLU B 13 15.93 9.84 3.69
N GLU B 14 16.44 8.95 4.54
CA GLU B 14 17.38 7.93 4.08
C GLU B 14 16.97 6.51 4.45
N HIS B 15 17.35 5.57 3.58
CA HIS B 15 17.05 4.16 3.77
C HIS B 15 18.33 3.39 3.48
N GLU B 16 18.72 2.51 4.39
CA GLU B 16 19.91 1.71 4.17
C GLU B 16 19.57 0.25 4.38
N PHE B 17 19.99 -0.61 3.46
CA PHE B 17 19.67 -2.03 3.55
C PHE B 17 20.61 -2.92 2.77
N ASP B 18 20.49 -4.22 2.98
CA ASP B 18 21.32 -5.19 2.26
C ASP B 18 20.72 -5.45 0.89
N ALA B 19 21.57 -5.48 -0.12
CA ALA B 19 21.12 -5.71 -1.48
C ALA B 19 21.96 -6.81 -2.13
N PRO B 20 21.37 -7.98 -2.33
CA PRO B 20 22.10 -9.10 -2.95
C PRO B 20 22.53 -8.68 -4.37
N ASP B 21 23.66 -9.20 -4.83
CA ASP B 21 24.15 -8.84 -6.17
C ASP B 21 23.30 -9.46 -7.29
N ASP B 22 22.39 -10.37 -6.93
CA ASP B 22 21.55 -11.00 -7.92
C ASP B 22 20.07 -10.62 -7.76
N ALA B 23 19.83 -9.44 -7.22
CA ALA B 23 18.48 -8.93 -7.04
C ALA B 23 18.43 -7.47 -7.48
N TYR B 24 17.30 -7.05 -8.04
CA TYR B 24 17.14 -5.68 -8.46
C TYR B 24 17.03 -4.79 -7.23
N ILE B 25 17.61 -3.60 -7.30
CA ILE B 25 17.58 -2.68 -6.19
C ILE B 25 16.14 -2.38 -5.73
N LEU B 26 15.22 -2.26 -6.68
CA LEU B 26 13.84 -1.98 -6.32
C LEU B 26 13.27 -3.12 -5.46
N ASP B 27 13.58 -4.35 -5.81
CA ASP B 27 13.08 -5.49 -5.05
C ASP B 27 13.73 -5.57 -3.67
N ALA B 28 15.01 -5.23 -3.60
CA ALA B 28 15.72 -5.25 -2.34
C ALA B 28 15.16 -4.18 -1.41
N ALA B 29 14.81 -3.03 -1.99
CA ALA B 29 14.25 -1.91 -1.24
C ALA B 29 12.89 -2.27 -0.64
N GLU B 30 12.06 -2.96 -1.41
CA GLU B 30 10.74 -3.38 -0.93
C GLU B 30 10.88 -4.40 0.20
N THR B 31 11.86 -5.29 0.08
CA THR B 31 12.09 -6.27 1.12
C THR B 31 12.41 -5.52 2.40
N ALA B 32 13.09 -4.38 2.28
CA ALA B 32 13.48 -3.59 3.43
C ALA B 32 12.40 -2.60 3.88
N GLY B 33 11.21 -2.74 3.32
CA GLY B 33 10.11 -1.87 3.70
C GLY B 33 10.10 -0.45 3.14
N VAL B 34 10.74 -0.25 2.00
CA VAL B 34 10.77 1.07 1.39
C VAL B 34 9.79 1.11 0.22
N GLU B 35 8.95 2.13 0.18
CA GLU B 35 7.98 2.27 -0.90
C GLU B 35 8.57 3.23 -1.93
N LEU B 36 8.91 2.70 -3.10
CA LEU B 36 9.49 3.52 -4.15
C LEU B 36 8.58 3.58 -5.36
N PRO B 37 8.67 4.67 -6.12
CA PRO B 37 7.82 4.79 -7.31
C PRO B 37 8.27 3.82 -8.38
N TYR B 38 7.31 3.23 -9.09
CA TYR B 38 7.61 2.31 -10.17
C TYR B 38 6.33 2.08 -10.96
N SER B 39 6.46 1.53 -12.16
CA SER B 39 5.30 1.28 -12.98
C SER B 39 5.41 0.02 -13.81
N CYS B 40 6.20 0.05 -14.87
CA CYS B 40 6.34 -1.12 -15.73
C CYS B 40 7.19 -2.24 -15.15
N ARG B 41 8.11 -1.88 -14.25
CA ARG B 41 9.01 -2.86 -13.62
C ARG B 41 9.75 -3.69 -14.66
N ALA B 42 9.93 -3.15 -15.87
CA ALA B 42 10.60 -3.88 -16.93
C ALA B 42 11.70 -3.09 -17.62
N GLY B 43 12.03 -1.93 -17.08
CA GLY B 43 13.08 -1.11 -17.67
C GLY B 43 12.65 -0.39 -18.93
N ALA B 44 11.34 -0.20 -19.12
CA ALA B 44 10.84 0.46 -20.33
C ALA B 44 10.15 1.79 -20.09
N CYS B 45 10.37 2.41 -18.93
CA CYS B 45 9.76 3.71 -18.67
C CYS B 45 10.69 4.52 -17.78
N SER B 46 10.21 5.62 -17.22
CA SER B 46 11.05 6.48 -16.39
C SER B 46 10.61 6.65 -14.95
N THR B 47 9.51 6.01 -14.58
CA THR B 47 8.95 6.15 -13.25
C THR B 47 9.87 5.85 -12.06
N CYS B 48 10.68 4.80 -12.18
CA CYS B 48 11.58 4.40 -11.10
C CYS B 48 12.97 5.00 -11.18
N ALA B 49 13.12 6.04 -12.00
CA ALA B 49 14.41 6.68 -12.18
C ALA B 49 15.04 7.20 -10.91
N GLY B 50 16.33 6.93 -10.78
CA GLY B 50 17.10 7.39 -9.64
C GLY B 50 18.42 7.93 -10.17
N LYS B 51 19.28 8.39 -9.29
CA LYS B 51 20.56 8.92 -9.74
C LYS B 51 21.67 8.48 -8.80
N ILE B 52 22.68 7.82 -9.37
CA ILE B 52 23.82 7.32 -8.61
C ILE B 52 24.68 8.46 -8.09
N GLU B 53 24.99 8.42 -6.79
CA GLU B 53 25.85 9.44 -6.22
C GLU B 53 27.22 8.77 -6.10
N SER B 54 27.22 7.48 -5.79
CA SER B 54 28.45 6.72 -5.67
C SER B 54 28.15 5.22 -5.77
N GLY B 55 29.13 4.45 -6.22
CA GLY B 55 28.93 3.03 -6.38
C GLY B 55 28.57 2.81 -7.84
N SER B 56 28.34 1.56 -8.23
CA SER B 56 27.99 1.28 -9.61
C SER B 56 26.96 0.17 -9.69
N VAL B 57 26.24 0.13 -10.81
CA VAL B 57 25.21 -0.87 -11.00
C VAL B 57 25.25 -1.45 -12.40
N ASP B 58 24.52 -2.55 -12.57
CA ASP B 58 24.39 -3.19 -13.87
C ASP B 58 22.91 -3.02 -14.21
N GLN B 59 22.61 -2.13 -15.14
CA GLN B 59 21.23 -1.91 -15.54
C GLN B 59 21.01 -2.25 -17.00
N SER B 60 21.81 -3.21 -17.49
CA SER B 60 21.73 -3.64 -18.87
C SER B 60 20.36 -4.23 -19.25
N ASP B 61 19.60 -4.68 -18.26
CA ASP B 61 18.26 -5.23 -18.53
C ASP B 61 17.30 -4.10 -18.88
N GLY B 62 17.74 -2.86 -18.70
CA GLY B 62 16.88 -1.73 -19.02
C GLY B 62 17.10 -1.27 -20.45
N SER B 63 16.19 -0.47 -20.98
CA SER B 63 16.32 0.00 -22.35
C SER B 63 15.68 1.36 -22.58
N PHE B 64 15.29 2.04 -21.51
CA PHE B 64 14.65 3.35 -21.67
C PHE B 64 15.63 4.51 -21.73
N LEU B 65 16.71 4.41 -20.96
CA LEU B 65 17.72 5.47 -20.90
C LEU B 65 18.76 5.36 -22.01
N ASP B 66 19.15 6.48 -22.59
CA ASP B 66 20.18 6.47 -23.62
C ASP B 66 21.52 6.63 -22.89
N ASP B 67 22.63 6.35 -23.60
CA ASP B 67 23.96 6.43 -23.00
C ASP B 67 24.27 7.76 -22.33
N GLY B 68 23.74 8.85 -22.87
CA GLY B 68 24.00 10.14 -22.26
C GLY B 68 23.47 10.17 -20.84
N GLN B 69 22.21 9.79 -20.68
CA GLN B 69 21.54 9.78 -19.38
C GLN B 69 22.26 8.82 -18.43
N GLN B 70 22.68 7.66 -18.95
CA GLN B 70 23.41 6.71 -18.13
C GLN B 70 24.74 7.30 -17.69
N GLU B 71 25.41 8.01 -18.60
CA GLU B 71 26.69 8.65 -18.27
C GLU B 71 26.54 9.59 -17.09
N GLU B 72 25.45 10.35 -17.10
CA GLU B 72 25.18 11.32 -16.03
C GLU B 72 24.89 10.68 -14.69
N GLY B 73 24.66 9.36 -14.69
CA GLY B 73 24.39 8.68 -13.43
C GLY B 73 22.95 8.25 -13.19
N TYR B 74 22.09 8.39 -14.19
CA TYR B 74 20.71 7.96 -14.01
C TYR B 74 20.60 6.46 -14.14
N VAL B 75 19.78 5.85 -13.29
CA VAL B 75 19.58 4.41 -13.28
C VAL B 75 18.09 4.08 -13.11
N LEU B 76 17.67 2.98 -13.73
CA LEU B 76 16.30 2.52 -13.59
C LEU B 76 16.37 1.49 -12.47
N THR B 77 15.95 1.90 -11.27
CA THR B 77 16.02 1.03 -10.10
C THR B 77 15.33 -0.33 -10.22
N CYS B 78 14.31 -0.43 -11.06
CA CYS B 78 13.60 -1.70 -11.19
C CYS B 78 14.38 -2.79 -11.93
N VAL B 79 15.45 -2.40 -12.64
CA VAL B 79 16.27 -3.37 -13.36
C VAL B 79 17.77 -3.17 -13.09
N SER B 80 18.10 -2.63 -11.93
CA SER B 80 19.49 -2.39 -11.57
C SER B 80 20.01 -3.38 -10.54
N TYR B 81 21.14 -4.01 -10.84
CA TYR B 81 21.79 -4.93 -9.92
C TYR B 81 22.94 -4.15 -9.32
N PRO B 82 23.10 -4.19 -7.99
CA PRO B 82 24.21 -3.45 -7.42
C PRO B 82 25.52 -4.21 -7.66
N LYS B 83 26.59 -3.50 -7.93
CA LYS B 83 27.90 -4.13 -8.16
C LYS B 83 28.89 -3.70 -7.10
N SER B 84 28.40 -2.94 -6.12
CA SER B 84 29.20 -2.45 -5.02
C SER B 84 28.23 -1.72 -4.08
N ASP B 85 28.75 -1.16 -3.01
CA ASP B 85 27.91 -0.39 -2.11
C ASP B 85 27.47 0.84 -2.92
N CYS B 86 26.22 1.25 -2.75
CA CYS B 86 25.69 2.39 -3.49
C CYS B 86 24.95 3.40 -2.65
N VAL B 87 24.91 4.62 -3.18
CA VAL B 87 24.17 5.72 -2.59
C VAL B 87 23.42 6.23 -3.81
N ILE B 88 22.10 6.08 -3.78
CA ILE B 88 21.26 6.50 -4.89
C ILE B 88 20.16 7.46 -4.46
N HIS B 89 19.95 8.51 -5.27
CA HIS B 89 18.89 9.47 -5.00
C HIS B 89 17.69 9.03 -5.81
N THR B 90 16.59 8.77 -5.12
CA THR B 90 15.37 8.28 -5.77
C THR B 90 14.42 9.38 -6.25
N HIS B 91 13.27 8.98 -6.76
CA HIS B 91 12.25 9.91 -7.25
C HIS B 91 12.79 10.96 -8.22
N LYS B 92 13.57 10.53 -9.21
CA LYS B 92 14.17 11.45 -10.17
C LYS B 92 13.49 11.46 -11.53
N GLU B 93 12.30 10.88 -11.62
CA GLU B 93 11.58 10.85 -12.88
C GLU B 93 11.45 12.24 -13.52
N GLY B 94 11.31 13.27 -12.68
CA GLY B 94 11.19 14.62 -13.20
C GLY B 94 12.38 15.11 -14.01
N ASP B 95 13.57 14.60 -13.70
CA ASP B 95 14.79 15.00 -14.42
C ASP B 95 14.80 14.49 -15.86
N LEU B 96 14.03 13.45 -16.14
CA LEU B 96 14.03 12.85 -17.47
C LEU B 96 12.98 13.30 -18.48
N TYR B 97 12.77 14.62 -18.58
CA TYR B 97 11.80 15.11 -19.56
C TYR B 97 12.54 15.79 -20.71
N ALA C 1 -23.23 -11.15 -13.99
CA ALA C 1 -22.35 -12.34 -14.18
C ALA C 1 -20.99 -12.10 -13.55
N VAL C 2 -20.34 -13.18 -13.12
CA VAL C 2 -19.02 -13.09 -12.51
C VAL C 2 -18.07 -13.90 -13.36
N TYR C 3 -17.05 -13.24 -13.92
CA TYR C 3 -16.09 -13.93 -14.76
C TYR C 3 -14.80 -14.26 -14.03
N LYS C 4 -13.97 -15.06 -14.68
CA LYS C 4 -12.69 -15.44 -14.11
C LYS C 4 -11.62 -14.65 -14.84
N VAL C 5 -10.81 -13.91 -14.11
CA VAL C 5 -9.74 -13.14 -14.72
C VAL C 5 -8.38 -13.62 -14.25
N LYS C 6 -7.48 -13.82 -15.20
CA LYS C 6 -6.13 -14.25 -14.87
C LYS C 6 -5.18 -13.16 -15.32
N LEU C 7 -4.31 -12.71 -14.41
CA LEU C 7 -3.33 -11.69 -14.71
C LEU C 7 -1.96 -12.36 -14.76
N VAL C 8 -1.13 -11.96 -15.72
CA VAL C 8 0.21 -12.50 -15.84
C VAL C 8 1.21 -11.35 -15.72
N GLY C 9 2.02 -11.39 -14.66
CA GLY C 9 2.98 -10.34 -14.41
C GLY C 9 4.28 -10.40 -15.20
N PRO C 10 5.11 -9.35 -15.12
CA PRO C 10 6.38 -9.29 -15.83
C PRO C 10 7.41 -10.38 -15.47
N GLU C 11 7.26 -11.00 -14.29
CA GLU C 11 8.17 -12.07 -13.89
C GLU C 11 7.53 -13.44 -14.12
N GLY C 12 6.37 -13.48 -14.76
CA GLY C 12 5.72 -14.75 -15.00
C GLY C 12 4.77 -15.15 -13.89
N GLU C 13 4.67 -14.33 -12.85
CA GLU C 13 3.77 -14.63 -11.75
C GLU C 13 2.33 -14.53 -12.25
N GLU C 14 1.43 -15.32 -11.67
CA GLU C 14 0.03 -15.30 -12.09
C GLU C 14 -0.95 -15.06 -10.94
N HIS C 15 -2.05 -14.42 -11.25
CA HIS C 15 -3.11 -14.12 -10.30
C HIS C 15 -4.44 -14.46 -10.94
N GLU C 16 -5.26 -15.24 -10.26
CA GLU C 16 -6.56 -15.61 -10.80
C GLU C 16 -7.62 -15.31 -9.75
N PHE C 17 -8.69 -14.64 -10.17
CA PHE C 17 -9.74 -14.26 -9.24
C PHE C 17 -11.08 -14.00 -9.91
N ASP C 18 -12.13 -13.85 -9.10
CA ASP C 18 -13.45 -13.57 -9.62
C ASP C 18 -13.57 -12.09 -9.93
N ALA C 19 -14.17 -11.79 -11.07
CA ALA C 19 -14.35 -10.41 -11.49
C ALA C 19 -15.79 -10.18 -11.91
N PRO C 20 -16.55 -9.42 -11.11
CA PRO C 20 -17.95 -9.13 -11.43
C PRO C 20 -18.00 -8.34 -12.74
N ASP C 21 -19.06 -8.54 -13.53
CA ASP C 21 -19.18 -7.83 -14.80
C ASP C 21 -19.45 -6.34 -14.62
N ASP C 22 -19.75 -5.91 -13.39
CA ASP C 22 -20.03 -4.52 -13.13
C ASP C 22 -18.96 -3.84 -12.27
N ALA C 23 -17.74 -4.37 -12.33
CA ALA C 23 -16.62 -3.83 -11.57
C ALA C 23 -15.40 -3.75 -12.48
N TYR C 24 -14.58 -2.73 -12.27
CA TYR C 24 -13.38 -2.58 -13.06
C TYR C 24 -12.38 -3.66 -12.66
N ILE C 25 -11.66 -4.18 -13.64
CA ILE C 25 -10.68 -5.23 -13.38
C ILE C 25 -9.65 -4.81 -12.32
N LEU C 26 -9.24 -3.55 -12.32
CA LEU C 26 -8.28 -3.08 -11.34
C LEU C 26 -8.86 -3.23 -9.92
N ASP C 27 -10.13 -2.87 -9.75
CA ASP C 27 -10.76 -2.97 -8.44
C ASP C 27 -10.95 -4.41 -8.01
N ALA C 28 -11.28 -5.28 -8.96
CA ALA C 28 -11.46 -6.69 -8.67
C ALA C 28 -10.12 -7.30 -8.26
N ALA C 29 -9.05 -6.86 -8.91
CA ALA C 29 -7.71 -7.34 -8.62
C ALA C 29 -7.28 -6.96 -7.20
N GLU C 30 -7.58 -5.73 -6.79
CA GLU C 30 -7.23 -5.27 -5.45
C GLU C 30 -8.01 -6.05 -4.39
N THR C 31 -9.27 -6.36 -4.69
CA THR C 31 -10.08 -7.13 -3.77
C THR C 31 -9.41 -8.49 -3.56
N ALA C 32 -8.77 -8.99 -4.61
CA ALA C 32 -8.10 -10.29 -4.56
C ALA C 32 -6.67 -10.20 -4.04
N GLY C 33 -6.27 -9.04 -3.53
CA GLY C 33 -4.94 -8.88 -2.98
C GLY C 33 -3.79 -8.69 -3.97
N VAL C 34 -4.10 -8.21 -5.17
CA VAL C 34 -3.07 -7.99 -6.17
C VAL C 34 -2.72 -6.50 -6.24
N GLU C 35 -1.43 -6.20 -6.17
CA GLU C 35 -0.98 -4.82 -6.26
C GLU C 35 -0.59 -4.53 -7.71
N LEU C 36 -1.36 -3.69 -8.38
CA LEU C 36 -1.09 -3.37 -9.76
C LEU C 36 -0.76 -1.90 -9.90
N PRO C 37 0.01 -1.54 -10.94
CA PRO C 37 0.36 -0.13 -11.14
C PRO C 37 -0.87 0.64 -11.61
N TYR C 38 -1.00 1.88 -11.16
CA TYR C 38 -2.11 2.73 -11.56
C TYR C 38 -1.79 4.14 -11.07
N SER C 39 -2.50 5.13 -11.59
CA SER C 39 -2.24 6.50 -11.21
C SER C 39 -3.51 7.33 -11.19
N CYS C 40 -4.01 7.70 -12.37
CA CYS C 40 -5.21 8.53 -12.44
C CYS C 40 -6.53 7.80 -12.11
N ARG C 41 -6.55 6.49 -12.34
CA ARG C 41 -7.73 5.67 -12.11
C ARG C 41 -8.96 6.24 -12.81
N ALA C 42 -8.75 6.97 -13.90
CA ALA C 42 -9.85 7.58 -14.63
C ALA C 42 -9.80 7.33 -16.13
N GLY C 43 -8.89 6.47 -16.57
CA GLY C 43 -8.77 6.17 -18.00
C GLY C 43 -8.13 7.29 -18.80
N ALA C 44 -7.36 8.15 -18.14
CA ALA C 44 -6.71 9.27 -18.82
C ALA C 44 -5.19 9.23 -18.87
N CYS C 45 -4.60 8.07 -18.58
CA CYS C 45 -3.15 7.93 -18.65
C CYS C 45 -2.78 6.52 -19.12
N SER C 46 -1.51 6.15 -18.99
CA SER C 46 -1.07 4.83 -19.46
C SER C 46 -0.49 3.92 -18.38
N THR C 47 -0.44 4.41 -17.14
CA THR C 47 0.13 3.65 -16.03
C THR C 47 -0.41 2.23 -15.80
N CYS C 48 -1.72 2.06 -15.92
CA CYS C 48 -2.36 0.76 -15.67
C CYS C 48 -2.51 -0.11 -16.93
N ALA C 49 -1.83 0.27 -17.99
CA ALA C 49 -1.92 -0.46 -19.25
C ALA C 49 -1.60 -1.95 -19.14
N GLY C 50 -2.44 -2.74 -19.79
CA GLY C 50 -2.26 -4.18 -19.79
C GLY C 50 -2.50 -4.63 -21.22
N LYS C 51 -2.38 -5.92 -21.49
CA LYS C 51 -2.61 -6.42 -22.83
C LYS C 51 -3.41 -7.71 -22.82
N ILE C 52 -4.55 -7.70 -23.51
CA ILE C 52 -5.42 -8.87 -23.58
C ILE C 52 -4.79 -10.01 -24.37
N GLU C 53 -4.76 -11.20 -23.78
CA GLU C 53 -4.24 -12.35 -24.48
C GLU C 53 -5.47 -13.10 -24.99
N SER C 54 -6.53 -13.10 -24.19
CA SER C 54 -7.78 -13.74 -24.57
C SER C 54 -8.92 -13.20 -23.73
N GLY C 55 -10.13 -13.27 -24.28
CA GLY C 55 -11.29 -12.75 -23.59
C GLY C 55 -11.52 -11.36 -24.10
N SER C 56 -12.54 -10.67 -23.61
CA SER C 56 -12.81 -9.32 -24.08
C SER C 56 -13.26 -8.44 -22.94
N VAL C 57 -13.12 -7.13 -23.11
CA VAL C 57 -13.50 -6.18 -22.09
C VAL C 57 -14.22 -4.98 -22.68
N ASP C 58 -14.83 -4.20 -21.79
CA ASP C 58 -15.51 -2.98 -22.17
C ASP C 58 -14.71 -1.88 -21.48
N GLN C 59 -13.90 -1.15 -22.25
CA GLN C 59 -13.11 -0.07 -21.68
C GLN C 59 -13.52 1.27 -22.26
N SER C 60 -14.79 1.37 -22.62
CA SER C 60 -15.33 2.60 -23.21
C SER C 60 -15.23 3.80 -22.26
N ASP C 61 -15.08 3.55 -20.95
CA ASP C 61 -14.95 4.65 -19.98
C ASP C 61 -13.56 5.25 -20.09
N GLY C 62 -12.68 4.61 -20.84
CA GLY C 62 -11.34 5.13 -21.00
C GLY C 62 -11.25 6.05 -22.20
N SER C 63 -10.20 6.85 -22.28
CA SER C 63 -10.05 7.76 -23.41
C SER C 63 -8.61 8.05 -23.76
N PHE C 64 -7.67 7.30 -23.18
CA PHE C 64 -6.27 7.54 -23.47
C PHE C 64 -5.75 6.80 -24.69
N LEU C 65 -6.24 5.58 -24.89
CA LEU C 65 -5.81 4.75 -26.01
C LEU C 65 -6.57 5.05 -27.30
N ASP C 66 -5.85 5.06 -28.43
CA ASP C 66 -6.53 5.27 -29.71
C ASP C 66 -6.93 3.89 -30.24
N ASP C 67 -7.81 3.87 -31.25
CA ASP C 67 -8.30 2.61 -31.81
C ASP C 67 -7.21 1.63 -32.22
N GLY C 68 -6.10 2.15 -32.70
CA GLY C 68 -5.00 1.28 -33.11
C GLY C 68 -4.52 0.44 -31.93
N GLN C 69 -4.20 1.13 -30.84
CA GLN C 69 -3.72 0.48 -29.63
C GLN C 69 -4.76 -0.50 -29.10
N GLN C 70 -6.03 -0.09 -29.13
CA GLN C 70 -7.09 -0.97 -28.66
C GLN C 70 -7.16 -2.21 -29.56
N GLU C 71 -7.01 -2.03 -30.87
CA GLU C 71 -7.05 -3.15 -31.82
C GLU C 71 -5.99 -4.18 -31.46
N GLU C 72 -4.80 -3.70 -31.11
CA GLU C 72 -3.68 -4.58 -30.73
C GLU C 72 -3.91 -5.34 -29.43
N GLY C 73 -4.94 -4.96 -28.68
CA GLY C 73 -5.22 -5.65 -27.44
C GLY C 73 -4.84 -4.93 -26.16
N TYR C 74 -4.47 -3.66 -26.24
CA TYR C 74 -4.12 -2.93 -25.04
C TYR C 74 -5.39 -2.47 -24.33
N VAL C 75 -5.38 -2.56 -23.01
CA VAL C 75 -6.54 -2.16 -22.19
C VAL C 75 -6.09 -1.37 -20.98
N LEU C 76 -6.91 -0.42 -20.56
CA LEU C 76 -6.62 0.37 -19.36
C LEU C 76 -7.38 -0.37 -18.26
N THR C 77 -6.66 -1.15 -17.48
CA THR C 77 -7.26 -1.94 -16.41
C THR C 77 -8.11 -1.18 -15.40
N CYS C 78 -7.83 0.10 -15.18
CA CYS C 78 -8.60 0.86 -14.21
C CYS C 78 -10.03 1.20 -14.67
N VAL C 79 -10.31 1.05 -15.96
CA VAL C 79 -11.66 1.34 -16.46
C VAL C 79 -12.18 0.24 -17.38
N SER C 80 -11.71 -0.98 -17.15
CA SER C 80 -12.12 -2.13 -17.95
C SER C 80 -13.09 -3.06 -17.22
N TYR C 81 -14.22 -3.34 -17.86
CA TYR C 81 -15.20 -4.27 -17.30
C TYR C 81 -14.99 -5.57 -18.06
N PRO C 82 -14.92 -6.70 -17.35
CA PRO C 82 -14.73 -7.95 -18.09
C PRO C 82 -16.07 -8.35 -18.73
N LYS C 83 -16.02 -8.90 -19.94
CA LYS C 83 -17.22 -9.35 -20.63
C LYS C 83 -17.19 -10.86 -20.85
N SER C 84 -16.15 -11.49 -20.29
CA SER C 84 -15.96 -12.93 -20.38
C SER C 84 -14.73 -13.24 -19.55
N ASP C 85 -14.34 -14.51 -19.52
CA ASP C 85 -13.15 -14.88 -18.78
C ASP C 85 -11.98 -14.22 -19.54
N CYS C 86 -11.00 -13.71 -18.81
CA CYS C 86 -9.86 -13.04 -19.44
C CYS C 86 -8.50 -13.47 -18.94
N VAL C 87 -7.51 -13.26 -19.80
CA VAL C 87 -6.12 -13.52 -19.49
C VAL C 87 -5.48 -12.23 -19.94
N ILE C 88 -4.97 -11.46 -18.99
CA ILE C 88 -4.36 -10.17 -19.29
C ILE C 88 -2.93 -10.07 -18.77
N HIS C 89 -2.05 -9.51 -19.59
CA HIS C 89 -0.65 -9.31 -19.20
C HIS C 89 -0.57 -7.88 -18.68
N THR C 90 -0.16 -7.74 -17.43
CA THR C 90 -0.08 -6.42 -16.79
C THR C 90 1.27 -5.71 -16.97
N HIS C 91 1.40 -4.55 -16.34
CA HIS C 91 2.62 -3.75 -16.38
C HIS C 91 3.13 -3.51 -17.81
N LYS C 92 2.24 -3.10 -18.70
CA LYS C 92 2.59 -2.85 -20.10
C LYS C 92 2.74 -1.39 -20.48
N GLU C 93 2.81 -0.51 -19.49
CA GLU C 93 2.95 0.92 -19.75
C GLU C 93 4.11 1.22 -20.69
N GLY C 94 5.19 0.45 -20.57
CA GLY C 94 6.35 0.67 -21.43
C GLY C 94 6.06 0.51 -22.91
N ASP C 95 5.10 -0.32 -23.28
CA ASP C 95 4.75 -0.55 -24.67
C ASP C 95 4.10 0.67 -25.33
N LEU C 96 3.54 1.55 -24.52
CA LEU C 96 2.82 2.72 -25.04
C LEU C 96 3.59 4.05 -25.15
N TYR C 97 4.81 4.00 -25.68
CA TYR C 97 5.57 5.23 -25.86
C TYR C 97 5.63 5.56 -27.35
N ALA D 1 -2.24 27.26 12.06
CA ALA D 1 -3.70 27.05 11.82
C ALA D 1 -3.95 25.69 11.16
N VAL D 2 -5.13 25.14 11.41
CA VAL D 2 -5.52 23.86 10.83
C VAL D 2 -6.77 24.09 9.99
N TYR D 3 -6.68 23.82 8.70
CA TYR D 3 -7.83 24.02 7.83
C TYR D 3 -8.55 22.72 7.52
N LYS D 4 -9.71 22.86 6.87
CA LYS D 4 -10.50 21.70 6.50
C LYS D 4 -10.35 21.53 5.00
N VAL D 5 -9.92 20.35 4.58
CA VAL D 5 -9.75 20.06 3.17
C VAL D 5 -10.68 18.95 2.73
N LYS D 6 -11.35 19.17 1.60
CA LYS D 6 -12.25 18.17 1.05
C LYS D 6 -11.73 17.78 -0.31
N LEU D 7 -11.57 16.48 -0.53
CA LEU D 7 -11.09 15.97 -1.80
C LEU D 7 -12.27 15.29 -2.51
N VAL D 8 -12.38 15.50 -3.81
CA VAL D 8 -13.45 14.88 -4.58
C VAL D 8 -12.81 14.00 -5.66
N GLY D 9 -13.01 12.69 -5.55
CA GLY D 9 -12.44 11.76 -6.51
C GLY D 9 -13.15 11.61 -7.83
N PRO D 10 -12.54 10.89 -8.78
CA PRO D 10 -13.12 10.66 -10.11
C PRO D 10 -14.48 9.95 -10.14
N GLU D 11 -14.81 9.20 -9.09
CA GLU D 11 -16.11 8.50 -9.03
C GLU D 11 -17.11 9.27 -8.18
N GLY D 12 -16.74 10.48 -7.75
CA GLY D 12 -17.65 11.26 -6.93
C GLY D 12 -17.46 11.02 -5.44
N GLU D 13 -16.52 10.14 -5.08
CA GLU D 13 -16.27 9.86 -3.67
C GLU D 13 -15.66 11.10 -3.03
N GLU D 14 -15.90 11.29 -1.74
CA GLU D 14 -15.36 12.46 -1.05
C GLU D 14 -14.59 12.09 0.22
N HIS D 15 -13.60 12.93 0.53
CA HIS D 15 -12.76 12.76 1.71
C HIS D 15 -12.62 14.13 2.36
N GLU D 16 -12.87 14.20 3.65
CA GLU D 16 -12.74 15.46 4.37
C GLU D 16 -11.86 15.22 5.59
N PHE D 17 -10.89 16.10 5.81
CA PHE D 17 -9.99 15.93 6.94
C PHE D 17 -9.31 17.23 7.35
N ASP D 18 -8.61 17.19 8.49
CA ASP D 18 -7.88 18.34 8.98
C ASP D 18 -6.54 18.43 8.28
N ALA D 19 -6.19 19.64 7.84
CA ALA D 19 -4.94 19.85 7.16
C ALA D 19 -4.18 21.01 7.79
N PRO D 20 -3.09 20.72 8.49
CA PRO D 20 -2.29 21.76 9.14
C PRO D 20 -1.75 22.71 8.06
N ASP D 21 -1.59 23.99 8.39
CA ASP D 21 -1.07 24.95 7.42
C ASP D 21 0.42 24.75 7.10
N ASP D 22 1.09 23.90 7.86
CA ASP D 22 2.51 23.65 7.64
C ASP D 22 2.78 22.21 7.17
N ALA D 23 1.79 21.61 6.51
CA ALA D 23 1.92 20.26 5.98
C ALA D 23 1.37 20.22 4.56
N TYR D 24 1.97 19.40 3.71
CA TYR D 24 1.49 19.28 2.33
C TYR D 24 0.17 18.53 2.33
N ILE D 25 -0.73 18.95 1.45
CA ILE D 25 -2.04 18.33 1.37
C ILE D 25 -1.96 16.82 1.15
N LEU D 26 -1.00 16.37 0.35
CA LEU D 26 -0.84 14.94 0.10
C LEU D 26 -0.53 14.21 1.39
N ASP D 27 0.34 14.78 2.22
CA ASP D 27 0.71 14.15 3.48
C ASP D 27 -0.46 14.15 4.46
N ALA D 28 -1.23 15.24 4.47
CA ALA D 28 -2.39 15.33 5.36
C ALA D 28 -3.43 14.30 4.95
N ALA D 29 -3.59 14.10 3.65
CA ALA D 29 -4.54 13.13 3.10
C ALA D 29 -4.15 11.70 3.50
N GLU D 30 -2.88 11.37 3.43
CA GLU D 30 -2.42 10.04 3.81
C GLU D 30 -2.65 9.80 5.30
N THR D 31 -2.45 10.83 6.12
CA THR D 31 -2.67 10.71 7.56
C THR D 31 -4.14 10.36 7.78
N ALA D 32 -5.01 10.89 6.92
CA ALA D 32 -6.44 10.66 7.03
C ALA D 32 -6.89 9.37 6.32
N GLY D 33 -5.94 8.56 5.88
CA GLY D 33 -6.27 7.30 5.22
C GLY D 33 -6.73 7.37 3.78
N VAL D 34 -6.32 8.42 3.06
CA VAL D 34 -6.69 8.55 1.67
C VAL D 34 -5.52 8.17 0.77
N GLU D 35 -5.76 7.28 -0.19
CA GLU D 35 -4.71 6.87 -1.11
C GLU D 35 -4.82 7.71 -2.38
N LEU D 36 -3.85 8.60 -2.58
CA LEU D 36 -3.85 9.47 -3.73
C LEU D 36 -2.68 9.17 -4.66
N PRO D 37 -2.83 9.44 -5.96
CA PRO D 37 -1.73 9.17 -6.88
C PRO D 37 -0.59 10.15 -6.65
N TYR D 38 0.63 9.67 -6.79
CA TYR D 38 1.80 10.51 -6.63
C TYR D 38 3.01 9.73 -7.15
N SER D 39 4.11 10.42 -7.38
CA SER D 39 5.30 9.76 -7.88
C SER D 39 6.59 10.36 -7.35
N CYS D 40 6.96 11.54 -7.86
CA CYS D 40 8.20 12.18 -7.42
C CYS D 40 8.12 12.82 -6.05
N ARG D 41 6.92 13.21 -5.62
CA ARG D 41 6.71 13.87 -4.33
C ARG D 41 7.63 15.08 -4.14
N ALA D 42 8.06 15.68 -5.25
CA ALA D 42 8.96 16.83 -5.20
C ALA D 42 8.50 18.01 -6.05
N GLY D 43 7.29 17.94 -6.57
CA GLY D 43 6.77 19.03 -7.38
C GLY D 43 7.39 19.11 -8.77
N ALA D 44 7.93 18.01 -9.26
CA ALA D 44 8.58 17.98 -10.56
C ALA D 44 7.88 17.10 -11.61
N CYS D 45 6.64 16.72 -11.36
CA CYS D 45 5.91 15.92 -12.33
C CYS D 45 4.43 16.27 -12.29
N SER D 46 3.59 15.47 -12.94
CA SER D 46 2.16 15.77 -12.98
C SER D 46 1.25 14.72 -12.36
N THR D 47 1.83 13.65 -11.83
CA THR D 47 1.06 12.57 -11.24
C THR D 47 0.06 12.92 -10.14
N CYS D 48 0.43 13.83 -9.25
CA CYS D 48 -0.44 14.22 -8.14
C CYS D 48 -1.31 15.43 -8.43
N ALA D 49 -1.42 15.79 -9.71
CA ALA D 49 -2.22 16.94 -10.10
C ALA D 49 -3.66 16.90 -9.63
N GLY D 50 -4.12 18.03 -9.13
CA GLY D 50 -5.49 18.16 -8.67
C GLY D 50 -6.01 19.50 -9.19
N LYS D 51 -7.25 19.84 -8.91
CA LYS D 51 -7.78 21.11 -9.36
C LYS D 51 -8.61 21.77 -8.27
N ILE D 52 -8.24 22.99 -7.91
CA ILE D 52 -8.93 23.75 -6.87
C ILE D 52 -10.32 24.17 -7.31
N GLU D 53 -11.32 23.88 -6.49
CA GLU D 53 -12.68 24.29 -6.79
C GLU D 53 -12.91 25.55 -5.96
N SER D 54 -12.36 25.55 -4.76
CA SER D 54 -12.48 26.70 -3.87
C SER D 54 -11.39 26.64 -2.79
N GLY D 55 -11.03 27.82 -2.28
CA GLY D 55 -9.98 27.88 -1.27
C GLY D 55 -8.70 28.20 -2.02
N SER D 56 -7.59 28.34 -1.30
CA SER D 56 -6.33 28.64 -1.95
C SER D 56 -5.19 27.88 -1.31
N VAL D 57 -4.10 27.74 -2.05
CA VAL D 57 -2.94 27.01 -1.56
C VAL D 57 -1.65 27.71 -1.91
N ASP D 58 -0.57 27.28 -1.28
CA ASP D 58 0.76 27.80 -1.54
C ASP D 58 1.49 26.59 -2.12
N GLN D 59 1.72 26.60 -3.43
CA GLN D 59 2.43 25.51 -4.07
C GLN D 59 3.74 26.00 -4.69
N SER D 60 4.31 27.03 -4.08
CA SER D 60 5.56 27.61 -4.57
C SER D 60 6.74 26.61 -4.55
N ASP D 61 6.63 25.54 -3.76
CA ASP D 61 7.68 24.54 -3.72
C ASP D 61 7.64 23.68 -4.98
N GLY D 62 6.59 23.86 -5.79
CA GLY D 62 6.48 23.10 -7.02
C GLY D 62 7.09 23.85 -8.18
N SER D 63 7.36 23.17 -9.28
CA SER D 63 7.97 23.82 -10.43
C SER D 63 7.58 23.18 -11.75
N PHE D 64 6.60 22.29 -11.73
CA PHE D 64 6.19 21.63 -12.96
C PHE D 64 5.15 22.40 -13.74
N LEU D 65 4.23 23.05 -13.03
CA LEU D 65 3.15 23.79 -13.66
C LEU D 65 3.53 25.21 -14.03
N ASP D 66 3.10 25.67 -15.21
CA ASP D 66 3.38 27.04 -15.61
C ASP D 66 2.24 27.90 -15.07
N ASP D 67 2.44 29.22 -15.07
CA ASP D 67 1.44 30.15 -14.55
C ASP D 67 0.05 29.97 -15.15
N GLY D 68 -0.01 29.59 -16.42
CA GLY D 68 -1.30 29.41 -17.05
C GLY D 68 -2.07 28.33 -16.33
N GLN D 69 -1.44 27.18 -16.18
CA GLN D 69 -2.06 26.04 -15.51
C GLN D 69 -2.43 26.38 -14.08
N GLN D 70 -1.56 27.12 -13.40
CA GLN D 70 -1.85 27.52 -12.03
C GLN D 70 -3.05 28.47 -12.01
N GLU D 71 -3.13 29.38 -12.97
CA GLU D 71 -4.26 30.31 -13.07
C GLU D 71 -5.59 29.55 -13.17
N GLU D 72 -5.59 28.47 -13.96
CA GLU D 72 -6.79 27.67 -14.13
C GLU D 72 -7.20 26.89 -12.88
N GLY D 73 -6.32 26.85 -11.89
CA GLY D 73 -6.66 26.15 -10.67
C GLY D 73 -5.98 24.82 -10.45
N TYR D 74 -5.01 24.47 -11.28
CA TYR D 74 -4.32 23.20 -11.08
C TYR D 74 -3.27 23.34 -9.98
N VAL D 75 -3.18 22.31 -9.14
CA VAL D 75 -2.23 22.29 -8.04
C VAL D 75 -1.54 20.94 -7.94
N LEU D 76 -0.28 20.96 -7.49
CA LEU D 76 0.46 19.73 -7.29
C LEU D 76 0.27 19.43 -5.81
N THR D 77 -0.61 18.49 -5.51
CA THR D 77 -0.93 18.15 -4.12
C THR D 77 0.25 17.75 -3.24
N CYS D 78 1.31 17.21 -3.84
CA CYS D 78 2.46 16.79 -3.03
C CYS D 78 3.28 17.96 -2.46
N VAL D 79 3.08 19.16 -2.99
CA VAL D 79 3.82 20.32 -2.49
C VAL D 79 2.93 21.52 -2.25
N SER D 80 1.67 21.25 -1.92
CA SER D 80 0.70 22.31 -1.66
C SER D 80 0.37 22.46 -0.19
N TYR D 81 0.49 23.68 0.32
CA TYR D 81 0.14 23.97 1.71
C TYR D 81 -1.22 24.64 1.65
N PRO D 82 -2.16 24.22 2.49
CA PRO D 82 -3.47 24.88 2.44
C PRO D 82 -3.39 26.23 3.15
N LYS D 83 -4.05 27.24 2.60
CA LYS D 83 -4.05 28.59 3.19
C LYS D 83 -5.45 28.96 3.65
N SER D 84 -6.37 28.01 3.52
CA SER D 84 -7.76 28.20 3.93
C SER D 84 -8.42 26.86 3.72
N ASP D 85 -9.73 26.79 3.98
CA ASP D 85 -10.46 25.55 3.75
C ASP D 85 -10.45 25.35 2.23
N CYS D 86 -10.30 24.11 1.79
CA CYS D 86 -10.25 23.82 0.36
C CYS D 86 -11.13 22.68 -0.09
N VAL D 87 -11.46 22.72 -1.38
CA VAL D 87 -12.24 21.67 -2.02
C VAL D 87 -11.41 21.44 -3.28
N ILE D 88 -10.80 20.28 -3.36
CA ILE D 88 -9.94 19.95 -4.48
C ILE D 88 -10.36 18.66 -5.19
N HIS D 89 -10.34 18.70 -6.51
CA HIS D 89 -10.68 17.52 -7.31
C HIS D 89 -9.36 16.84 -7.64
N THR D 90 -9.24 15.60 -7.24
CA THR D 90 -8.00 14.84 -7.44
C THR D 90 -7.94 14.06 -8.75
N HIS D 91 -6.86 13.33 -8.94
CA HIS D 91 -6.65 12.50 -10.13
C HIS D 91 -6.83 13.27 -11.44
N LYS D 92 -6.21 14.45 -11.53
CA LYS D 92 -6.35 15.28 -12.72
C LYS D 92 -5.14 15.26 -13.66
N GLU D 93 -4.25 14.30 -13.45
CA GLU D 93 -3.06 14.19 -14.29
C GLU D 93 -3.42 14.18 -15.78
N GLY D 94 -4.56 13.60 -16.12
CA GLY D 94 -4.97 13.53 -17.51
C GLY D 94 -5.19 14.87 -18.18
N ASP D 95 -5.57 15.87 -17.40
CA ASP D 95 -5.82 17.21 -17.91
C ASP D 95 -4.54 17.92 -18.35
N LEU D 96 -3.39 17.45 -17.84
CA LEU D 96 -2.12 18.11 -18.14
C LEU D 96 -1.26 17.55 -19.27
N TYR D 97 -1.88 17.24 -20.40
CA TYR D 97 -1.13 16.73 -21.54
C TYR D 97 -1.05 17.80 -22.63
N ALA E 1 17.79 -23.79 -5.39
CA ALA E 1 16.60 -24.25 -6.17
C ALA E 1 15.46 -23.21 -6.08
N VAL E 2 14.62 -23.17 -7.11
CA VAL E 2 13.50 -22.25 -7.14
C VAL E 2 12.24 -23.08 -7.26
N TYR E 3 11.35 -22.98 -6.28
CA TYR E 3 10.12 -23.75 -6.31
C TYR E 3 8.94 -22.94 -6.76
N LYS E 4 7.82 -23.61 -6.98
CA LYS E 4 6.60 -22.96 -7.40
C LYS E 4 5.67 -22.95 -6.20
N VAL E 5 5.21 -21.76 -5.81
CA VAL E 5 4.29 -21.65 -4.69
C VAL E 5 2.95 -21.09 -5.13
N LYS E 6 1.88 -21.75 -4.70
CA LYS E 6 0.55 -21.30 -5.01
C LYS E 6 -0.15 -20.92 -3.70
N LEU E 7 -0.70 -19.71 -3.65
CA LEU E 7 -1.41 -19.26 -2.47
C LEU E 7 -2.90 -19.22 -2.82
N VAL E 8 -3.73 -19.64 -1.87
CA VAL E 8 -5.17 -19.63 -2.07
C VAL E 8 -5.80 -18.74 -1.00
N GLY E 9 -6.40 -17.63 -1.43
CA GLY E 9 -7.00 -16.69 -0.50
C GLY E 9 -8.38 -17.04 0.02
N PRO E 10 -8.87 -16.27 1.00
CA PRO E 10 -10.20 -16.50 1.59
C PRO E 10 -11.39 -16.42 0.63
N GLU E 11 -11.23 -15.74 -0.50
CA GLU E 11 -12.31 -15.62 -1.47
C GLU E 11 -12.11 -16.58 -2.63
N GLY E 12 -11.13 -17.47 -2.51
CA GLY E 12 -10.86 -18.41 -3.58
C GLY E 12 -9.89 -17.90 -4.63
N GLU E 13 -9.39 -16.67 -4.45
CA GLU E 13 -8.44 -16.11 -5.40
C GLU E 13 -7.14 -16.89 -5.28
N GLU E 14 -6.39 -17.00 -6.38
CA GLU E 14 -5.13 -17.73 -6.36
C GLU E 14 -3.95 -16.92 -6.89
N HIS E 15 -2.78 -17.20 -6.34
CA HIS E 15 -1.55 -16.52 -6.73
C HIS E 15 -0.49 -17.59 -6.90
N GLU E 16 0.21 -17.57 -8.04
CA GLU E 16 1.26 -18.55 -8.28
C GLU E 16 2.52 -17.80 -8.68
N PHE E 17 3.65 -18.16 -8.08
CA PHE E 17 4.90 -17.48 -8.37
C PHE E 17 6.14 -18.31 -8.02
N ASP E 18 7.30 -17.82 -8.45
CA ASP E 18 8.56 -18.50 -8.16
C ASP E 18 9.02 -18.13 -6.76
N ALA E 19 9.47 -19.13 -6.01
CA ALA E 19 9.93 -18.92 -4.65
C ALA E 19 11.29 -19.56 -4.46
N PRO E 20 12.34 -18.74 -4.34
CA PRO E 20 13.70 -19.28 -4.14
C PRO E 20 13.73 -20.06 -2.83
N ASP E 21 14.57 -21.09 -2.76
CA ASP E 21 14.65 -21.90 -1.54
C ASP E 21 15.35 -21.16 -0.39
N ASP E 22 15.94 -20.00 -0.68
CA ASP E 22 16.62 -19.22 0.36
C ASP E 22 15.92 -17.89 0.64
N ALA E 23 14.61 -17.86 0.41
CA ALA E 23 13.82 -16.67 0.66
C ALA E 23 12.53 -17.07 1.36
N TYR E 24 12.04 -16.21 2.25
CA TYR E 24 10.81 -16.48 2.97
C TYR E 24 9.65 -16.35 2.00
N ILE E 25 8.65 -17.21 2.17
CA ILE E 25 7.49 -17.20 1.29
C ILE E 25 6.80 -15.84 1.26
N LEU E 26 6.75 -15.16 2.40
CA LEU E 26 6.12 -13.85 2.45
C LEU E 26 6.85 -12.87 1.55
N ASP E 27 8.18 -12.91 1.57
CA ASP E 27 8.98 -12.01 0.74
C ASP E 27 8.84 -12.35 -0.74
N ALA E 28 8.76 -13.64 -1.06
CA ALA E 28 8.62 -14.08 -2.43
C ALA E 28 7.25 -13.63 -2.96
N ALA E 29 6.24 -13.69 -2.11
CA ALA E 29 4.88 -13.29 -2.46
C ALA E 29 4.81 -11.79 -2.77
N GLU E 30 5.48 -10.99 -1.96
CA GLU E 30 5.50 -9.54 -2.17
C GLU E 30 6.20 -9.19 -3.49
N THR E 31 7.28 -9.92 -3.80
CA THR E 31 8.00 -9.69 -5.04
C THR E 31 7.03 -9.94 -6.20
N ALA E 32 6.13 -10.90 -6.02
CA ALA E 32 5.15 -11.26 -7.04
C ALA E 32 3.90 -10.40 -7.02
N GLY E 33 3.91 -9.34 -6.22
CA GLY E 33 2.77 -8.44 -6.16
C GLY E 33 1.58 -8.89 -5.33
N VAL E 34 1.80 -9.77 -4.37
CA VAL E 34 0.72 -10.24 -3.53
C VAL E 34 0.76 -9.55 -2.17
N GLU E 35 -0.38 -9.01 -1.75
CA GLU E 35 -0.44 -8.34 -0.46
C GLU E 35 -0.98 -9.33 0.57
N LEU E 36 -0.11 -9.75 1.49
CA LEU E 36 -0.51 -10.70 2.52
C LEU E 36 -0.46 -10.08 3.89
N PRO E 37 -1.30 -10.59 4.81
CA PRO E 37 -1.28 -10.03 6.17
C PRO E 37 0.01 -10.42 6.89
N TYR E 38 0.53 -9.50 7.69
CA TYR E 38 1.75 -9.76 8.46
C TYR E 38 1.87 -8.64 9.48
N SER E 39 2.74 -8.84 10.46
CA SER E 39 2.94 -7.84 11.48
C SER E 39 4.36 -7.80 12.00
N CYS E 40 4.73 -8.76 12.83
CA CYS E 40 6.09 -8.78 13.39
C CYS E 40 7.19 -9.18 12.41
N ARG E 41 6.82 -9.96 11.39
CA ARG E 41 7.77 -10.44 10.40
C ARG E 41 8.98 -11.13 11.04
N ALA E 42 8.79 -11.67 12.24
CA ALA E 42 9.89 -12.33 12.94
C ALA E 42 9.51 -13.71 13.48
N GLY E 43 8.34 -14.21 13.11
CA GLY E 43 7.93 -15.52 13.58
C GLY E 43 7.48 -15.54 15.03
N ALA E 44 7.09 -14.38 15.57
CA ALA E 44 6.66 -14.28 16.96
C ALA E 44 5.18 -13.94 17.17
N CYS E 45 4.36 -14.06 16.13
CA CYS E 45 2.94 -13.78 16.28
C CYS E 45 2.15 -14.71 15.36
N SER E 46 0.86 -14.43 15.18
CA SER E 46 0.00 -15.28 14.34
C SER E 46 -0.61 -14.61 13.12
N THR E 47 -0.32 -13.34 12.92
CA THR E 47 -0.88 -12.58 11.80
C THR E 47 -0.70 -13.15 10.41
N CYS E 48 0.49 -13.68 10.11
CA CYS E 48 0.78 -14.23 8.78
C CYS E 48 0.49 -15.72 8.64
N ALA E 49 -0.24 -16.28 9.60
CA ALA E 49 -0.55 -17.70 9.58
C ALA E 49 -1.21 -18.19 8.30
N GLY E 50 -0.73 -19.33 7.83
CA GLY E 50 -1.29 -19.94 6.63
C GLY E 50 -1.41 -21.42 6.93
N LYS E 51 -1.90 -22.19 5.98
CA LYS E 51 -2.02 -23.62 6.19
C LYS E 51 -1.60 -24.40 4.93
N ILE E 52 -0.64 -25.29 5.11
CA ILE E 52 -0.13 -26.11 4.01
C ILE E 52 -1.16 -27.12 3.53
N GLU E 53 -1.40 -27.15 2.23
CA GLU E 53 -2.33 -28.11 1.66
C GLU E 53 -1.44 -29.22 1.09
N SER E 54 -0.29 -28.83 0.55
CA SER E 54 0.67 -29.78 -0.01
C SER E 54 2.04 -29.13 -0.13
N GLY E 55 3.07 -29.95 -0.10
CA GLY E 55 4.43 -29.45 -0.18
C GLY E 55 4.92 -29.31 1.24
N SER E 56 6.16 -28.88 1.42
CA SER E 56 6.68 -28.74 2.77
C SER E 56 7.55 -27.49 2.88
N VAL E 57 7.72 -27.03 4.11
CA VAL E 57 8.52 -25.83 4.34
C VAL E 57 9.41 -25.99 5.56
N ASP E 58 10.35 -25.06 5.68
CA ASP E 58 11.25 -25.02 6.82
C ASP E 58 10.88 -23.72 7.55
N GLN E 59 10.19 -23.83 8.66
CA GLN E 59 9.81 -22.65 9.42
C GLN E 59 10.46 -22.65 10.80
N SER E 60 11.64 -23.24 10.88
CA SER E 60 12.38 -23.33 12.14
C SER E 60 12.75 -21.95 12.70
N ASP E 61 12.77 -20.92 11.86
CA ASP E 61 13.08 -19.58 12.34
C ASP E 61 11.90 -19.01 13.13
N GLY E 62 10.76 -19.72 13.09
CA GLY E 62 9.59 -19.26 13.82
C GLY E 62 9.57 -19.85 15.21
N SER E 63 8.76 -19.27 16.10
CA SER E 63 8.68 -19.78 17.45
C SER E 63 7.32 -19.56 18.10
N PHE E 64 6.33 -19.15 17.32
CA PHE E 64 5.01 -18.91 17.88
C PHE E 64 4.12 -20.14 17.90
N LEU E 65 4.26 -21.00 16.90
CA LEU E 65 3.43 -22.20 16.82
C LEU E 65 4.02 -23.37 17.58
N ASP E 66 3.16 -24.14 18.25
CA ASP E 66 3.65 -25.31 18.97
C ASP E 66 3.59 -26.48 18.00
N ASP E 67 4.25 -27.59 18.34
CA ASP E 67 4.30 -28.76 17.47
C ASP E 67 2.93 -29.27 17.02
N GLY E 68 1.92 -29.13 17.87
CA GLY E 68 0.60 -29.58 17.50
C GLY E 68 0.13 -28.82 16.27
N GLN E 69 0.16 -27.49 16.37
CA GLN E 69 -0.26 -26.63 15.28
C GLN E 69 0.55 -26.90 14.02
N GLN E 70 1.86 -27.08 14.19
CA GLN E 70 2.71 -27.38 13.04
C GLN E 70 2.31 -28.71 12.42
N GLU E 71 2.00 -29.71 13.25
CA GLU E 71 1.58 -31.02 12.75
C GLU E 71 0.35 -30.88 11.85
N GLU E 72 -0.59 -30.04 12.27
CA GLU E 72 -1.83 -29.81 11.50
C GLU E 72 -1.61 -29.10 10.18
N GLY E 73 -0.40 -28.57 9.97
CA GLY E 73 -0.11 -27.91 8.72
C GLY E 73 -0.05 -26.39 8.74
N TYR E 74 -0.11 -25.79 9.93
CA TYR E 74 -0.05 -24.34 10.02
C TYR E 74 1.40 -23.89 9.87
N VAL E 75 1.59 -22.79 9.14
CA VAL E 75 2.91 -22.23 8.91
C VAL E 75 2.89 -20.71 9.05
N LEU E 76 4.01 -20.15 9.51
CA LEU E 76 4.12 -18.70 9.64
C LEU E 76 4.84 -18.31 8.34
N THR E 77 4.08 -17.79 7.39
CA THR E 77 4.62 -17.41 6.10
C THR E 77 5.80 -16.44 6.11
N CYS E 78 5.90 -15.59 7.14
CA CYS E 78 7.00 -14.63 7.19
C CYS E 78 8.37 -15.24 7.50
N VAL E 79 8.39 -16.49 7.96
CA VAL E 79 9.65 -17.16 8.27
C VAL E 79 9.70 -18.57 7.70
N SER E 80 8.97 -18.81 6.60
CA SER E 80 8.92 -20.13 5.97
C SER E 80 9.71 -20.17 4.67
N TYR E 81 10.61 -21.15 4.57
CA TYR E 81 11.40 -21.35 3.35
C TYR E 81 10.74 -22.53 2.66
N PRO E 82 10.49 -22.40 1.34
CA PRO E 82 9.87 -23.53 0.66
C PRO E 82 10.92 -24.63 0.43
N LYS E 83 10.53 -25.89 0.58
CA LYS E 83 11.45 -27.01 0.36
C LYS E 83 10.98 -27.85 -0.83
N SER E 84 9.92 -27.38 -1.47
CA SER E 84 9.33 -28.05 -2.63
C SER E 84 8.21 -27.16 -3.12
N ASP E 85 7.52 -27.58 -4.17
CA ASP E 85 6.40 -26.80 -4.66
C ASP E 85 5.36 -26.85 -3.55
N CYS E 86 4.67 -25.73 -3.32
CA CYS E 86 3.67 -25.65 -2.27
C CYS E 86 2.35 -25.05 -2.67
N VAL E 87 1.32 -25.42 -1.92
CA VAL E 87 -0.01 -24.89 -2.09
C VAL E 87 -0.36 -24.54 -0.65
N ILE E 88 -0.49 -23.23 -0.40
CA ILE E 88 -0.78 -22.75 0.94
C ILE E 88 -2.02 -21.87 0.99
N HIS E 89 -2.84 -22.08 2.00
CA HIS E 89 -4.05 -21.28 2.19
C HIS E 89 -3.67 -20.18 3.17
N THR E 90 -3.82 -18.94 2.74
CA THR E 90 -3.46 -17.79 3.54
C THR E 90 -4.57 -17.27 4.45
N HIS E 91 -4.28 -16.17 5.14
CA HIS E 91 -5.24 -15.51 6.04
C HIS E 91 -5.88 -16.48 7.02
N LYS E 92 -5.08 -17.30 7.69
CA LYS E 92 -5.60 -18.29 8.63
C LYS E 92 -5.42 -17.91 10.10
N GLU E 93 -5.10 -16.65 10.36
CA GLU E 93 -4.90 -16.19 11.72
C GLU E 93 -6.07 -16.53 12.64
N GLY E 94 -7.29 -16.51 12.08
CA GLY E 94 -8.47 -16.82 12.86
C GLY E 94 -8.50 -18.22 13.43
N ASP E 95 -7.85 -19.17 12.76
CA ASP E 95 -7.79 -20.56 13.21
C ASP E 95 -6.95 -20.74 14.48
N LEU E 96 -6.06 -19.80 14.75
CA LEU E 96 -5.17 -19.90 15.89
C LEU E 96 -5.56 -19.21 17.19
N TYR E 97 -6.81 -19.37 17.60
CA TYR E 97 -7.24 -18.77 18.86
C TYR E 97 -7.45 -19.86 19.90
N ALA F 1 -28.93 -2.57 -6.13
CA ALA F 1 -29.00 -1.18 -5.60
C ALA F 1 -27.61 -0.70 -5.16
N VAL F 2 -27.39 0.61 -5.24
CA VAL F 2 -26.12 1.19 -4.82
C VAL F 2 -26.42 2.16 -3.70
N TYR F 3 -25.85 1.91 -2.52
CA TYR F 3 -26.08 2.80 -1.39
C TYR F 3 -24.93 3.77 -1.16
N LYS F 4 -25.18 4.74 -0.29
CA LYS F 4 -24.16 5.72 0.04
C LYS F 4 -23.64 5.36 1.41
N VAL F 5 -22.33 5.19 1.52
CA VAL F 5 -21.71 4.86 2.80
C VAL F 5 -20.76 5.96 3.24
N LYS F 6 -20.88 6.36 4.50
CA LYS F 6 -20.00 7.36 5.06
C LYS F 6 -19.19 6.72 6.19
N LEU F 7 -17.88 6.85 6.13
CA LEU F 7 -17.02 6.32 7.16
C LEU F 7 -16.47 7.50 7.96
N VAL F 8 -16.39 7.33 9.28
CA VAL F 8 -15.86 8.37 10.15
C VAL F 8 -14.66 7.80 10.89
N GLY F 9 -13.48 8.36 10.61
CA GLY F 9 -12.26 7.88 11.22
C GLY F 9 -11.98 8.36 12.64
N PRO F 10 -10.95 7.80 13.28
CA PRO F 10 -10.56 8.16 14.65
C PRO F 10 -10.17 9.63 14.86
N GLU F 11 -9.75 10.32 13.79
CA GLU F 11 -9.37 11.72 13.90
C GLU F 11 -10.51 12.64 13.43
N GLY F 12 -11.67 12.06 13.17
CA GLY F 12 -12.80 12.85 12.70
C GLY F 12 -12.84 13.01 11.19
N GLU F 13 -11.90 12.40 10.48
CA GLU F 13 -11.87 12.47 9.02
C GLU F 13 -13.07 11.69 8.48
N GLU F 14 -13.60 12.11 7.33
CA GLU F 14 -14.74 11.41 6.75
C GLU F 14 -14.52 10.98 5.32
N HIS F 15 -15.17 9.88 4.95
CA HIS F 15 -15.09 9.33 3.61
C HIS F 15 -16.51 8.97 3.18
N GLU F 16 -16.91 9.40 2.00
CA GLU F 16 -18.24 9.09 1.50
C GLU F 16 -18.11 8.53 0.09
N PHE F 17 -18.76 7.41 -0.17
CA PHE F 17 -18.67 6.77 -1.48
C PHE F 17 -19.84 5.85 -1.80
N ASP F 18 -19.91 5.41 -3.05
CA ASP F 18 -20.96 4.51 -3.48
C ASP F 18 -20.59 3.09 -3.09
N ALA F 19 -21.57 2.37 -2.56
CA ALA F 19 -21.34 0.99 -2.13
C ALA F 19 -22.44 0.09 -2.69
N PRO F 20 -22.08 -0.76 -3.67
CA PRO F 20 -23.04 -1.68 -4.28
C PRO F 20 -23.58 -2.62 -3.21
N ASP F 21 -24.84 -3.03 -3.34
CA ASP F 21 -25.44 -3.93 -2.35
C ASP F 21 -24.87 -5.34 -2.40
N ASP F 22 -24.07 -5.63 -3.42
CA ASP F 22 -23.48 -6.95 -3.56
C ASP F 22 -21.97 -6.93 -3.42
N ALA F 23 -21.46 -5.95 -2.68
CA ALA F 23 -20.04 -5.83 -2.43
C ALA F 23 -19.82 -5.53 -0.96
N TYR F 24 -18.73 -6.04 -0.41
CA TYR F 24 -18.40 -5.80 0.99
C TYR F 24 -17.97 -4.34 1.15
N ILE F 25 -18.35 -3.74 2.26
CA ILE F 25 -18.02 -2.36 2.52
C ILE F 25 -16.52 -2.10 2.45
N LEU F 26 -15.72 -3.03 2.94
CA LEU F 26 -14.28 -2.86 2.90
C LEU F 26 -13.79 -2.76 1.45
N ASP F 27 -14.35 -3.57 0.56
CA ASP F 27 -13.94 -3.55 -0.84
C ASP F 27 -14.40 -2.28 -1.52
N ALA F 28 -15.59 -1.80 -1.17
CA ALA F 28 -16.13 -0.58 -1.75
C ALA F 28 -15.27 0.61 -1.30
N ALA F 29 -14.82 0.57 -0.05
CA ALA F 29 -13.99 1.62 0.51
C ALA F 29 -12.64 1.71 -0.19
N GLU F 30 -12.04 0.56 -0.48
CA GLU F 30 -10.77 0.54 -1.19
C GLU F 30 -10.92 1.07 -2.60
N THR F 31 -12.03 0.76 -3.25
CA THR F 31 -12.28 1.25 -4.59
C THR F 31 -12.32 2.78 -4.54
N ALA F 32 -12.81 3.32 -3.43
CA ALA F 32 -12.91 4.77 -3.25
C ALA F 32 -11.63 5.39 -2.70
N GLY F 33 -10.55 4.62 -2.64
CA GLY F 33 -9.28 5.13 -2.16
C GLY F 33 -9.12 5.30 -0.66
N VAL F 34 -9.87 4.53 0.13
CA VAL F 34 -9.77 4.61 1.58
C VAL F 34 -8.97 3.44 2.11
N GLU F 35 -7.97 3.72 2.92
CA GLU F 35 -7.15 2.67 3.51
C GLU F 35 -7.71 2.33 4.90
N LEU F 36 -8.28 1.15 5.02
CA LEU F 36 -8.86 0.73 6.29
C LEU F 36 -8.12 -0.45 6.86
N PRO F 37 -8.13 -0.61 8.18
CA PRO F 37 -7.43 -1.74 8.78
C PRO F 37 -8.18 -3.05 8.49
N TYR F 38 -7.42 -4.10 8.27
CA TYR F 38 -8.00 -5.42 8.01
C TYR F 38 -6.89 -6.44 8.10
N SER F 39 -7.25 -7.71 8.21
CA SER F 39 -6.25 -8.74 8.31
C SER F 39 -6.67 -10.04 7.61
N CYS F 40 -7.58 -10.79 8.22
CA CYS F 40 -8.02 -12.05 7.64
C CYS F 40 -8.95 -11.89 6.43
N ARG F 41 -9.69 -10.78 6.37
CA ARG F 41 -10.65 -10.53 5.29
C ARG F 41 -11.63 -11.68 5.13
N ALA F 42 -11.87 -12.43 6.20
CA ALA F 42 -12.79 -13.56 6.14
C ALA F 42 -13.84 -13.57 7.26
N GLY F 43 -13.90 -12.50 8.03
CA GLY F 43 -14.87 -12.43 9.11
C GLY F 43 -14.51 -13.27 10.31
N ALA F 44 -13.23 -13.58 10.46
CA ALA F 44 -12.77 -14.42 11.56
C ALA F 44 -11.86 -13.73 12.58
N CYS F 45 -11.80 -12.41 12.55
CA CYS F 45 -10.97 -11.67 13.50
C CYS F 45 -11.63 -10.34 13.87
N SER F 46 -10.91 -9.44 14.52
CA SER F 46 -11.50 -8.18 14.93
C SER F 46 -10.84 -6.93 14.34
N THR F 47 -9.81 -7.12 13.54
CA THR F 47 -9.08 -6.01 12.95
C THR F 47 -9.87 -4.95 12.19
N CYS F 48 -10.85 -5.39 11.40
CA CYS F 48 -11.65 -4.47 10.58
C CYS F 48 -12.93 -3.99 11.28
N ALA F 49 -13.02 -4.19 12.58
CA ALA F 49 -14.20 -3.80 13.33
C ALA F 49 -14.57 -2.33 13.20
N GLY F 50 -15.87 -2.10 13.02
CA GLY F 50 -16.38 -0.76 12.91
C GLY F 50 -17.64 -0.71 13.75
N LYS F 51 -18.30 0.45 13.80
CA LYS F 51 -19.53 0.54 14.57
C LYS F 51 -20.56 1.36 13.82
N ILE F 52 -21.73 0.75 13.62
CA ILE F 52 -22.83 1.40 12.90
C ILE F 52 -23.42 2.55 13.71
N GLU F 53 -23.56 3.71 13.08
CA GLU F 53 -24.17 4.85 13.75
C GLU F 53 -25.60 4.89 13.21
N SER F 54 -25.75 4.59 11.93
CA SER F 54 -27.07 4.55 11.30
C SER F 54 -27.03 3.71 10.03
N GLY F 55 -28.17 3.17 9.65
CA GLY F 55 -28.24 2.32 8.48
C GLY F 55 -28.11 0.89 8.95
N SER F 56 -28.15 -0.06 8.03
CA SER F 56 -28.02 -1.46 8.42
C SER F 56 -27.19 -2.25 7.43
N VAL F 57 -26.65 -3.37 7.89
CA VAL F 57 -25.82 -4.20 7.04
C VAL F 57 -26.13 -5.67 7.22
N ASP F 58 -25.62 -6.47 6.29
CA ASP F 58 -25.77 -7.91 6.35
C ASP F 58 -24.35 -8.41 6.55
N GLN F 59 -24.03 -8.86 7.75
CA GLN F 59 -22.71 -9.37 8.02
C GLN F 59 -22.75 -10.83 8.41
N SER F 60 -23.74 -11.53 7.88
CA SER F 60 -23.92 -12.95 8.15
C SER F 60 -22.73 -13.80 7.72
N ASP F 61 -21.91 -13.29 6.80
CA ASP F 61 -20.73 -14.04 6.34
C ASP F 61 -19.64 -14.01 7.42
N GLY F 62 -19.85 -13.19 8.46
CA GLY F 62 -18.87 -13.11 9.53
C GLY F 62 -19.21 -14.11 10.63
N SER F 63 -18.24 -14.38 11.50
CA SER F 63 -18.48 -15.32 12.59
C SER F 63 -17.68 -15.00 13.84
N PHE F 64 -17.04 -13.84 13.89
CA PHE F 64 -16.24 -13.49 15.04
C PHE F 64 -17.01 -12.82 16.16
N LEU F 65 -17.98 -11.99 15.79
CA LEU F 65 -18.78 -11.26 16.77
C LEU F 65 -19.97 -12.06 17.28
N ASP F 66 -20.23 -11.96 18.57
CA ASP F 66 -21.39 -12.66 19.13
C ASP F 66 -22.58 -11.71 19.02
N ASP F 67 -23.79 -12.23 19.21
CA ASP F 67 -24.99 -11.43 19.11
C ASP F 67 -25.00 -10.17 19.96
N GLY F 68 -24.37 -10.23 21.12
CA GLY F 68 -24.33 -9.05 21.97
C GLY F 68 -23.62 -7.91 21.27
N GLN F 69 -22.43 -8.19 20.77
CA GLN F 69 -21.62 -7.20 20.08
C GLN F 69 -22.37 -6.69 18.85
N GLN F 70 -23.03 -7.59 18.13
CA GLN F 70 -23.78 -7.19 16.96
C GLN F 70 -24.93 -6.28 17.37
N GLU F 71 -25.58 -6.59 18.48
CA GLU F 71 -26.69 -5.78 18.97
C GLU F 71 -26.23 -4.35 19.22
N GLU F 72 -25.04 -4.21 19.79
CA GLU F 72 -24.49 -2.88 20.09
C GLU F 72 -24.10 -2.08 18.84
N GLY F 73 -24.13 -2.71 17.67
CA GLY F 73 -23.79 -2.00 16.46
C GLY F 73 -22.42 -2.26 15.86
N TYR F 74 -21.69 -3.24 16.38
CA TYR F 74 -20.38 -3.55 15.83
C TYR F 74 -20.54 -4.39 14.56
N VAL F 75 -19.73 -4.08 13.57
CA VAL F 75 -19.76 -4.80 12.30
C VAL F 75 -18.33 -5.11 11.80
N LEU F 76 -18.18 -6.23 11.12
CA LEU F 76 -16.90 -6.58 10.54
C LEU F 76 -16.99 -6.07 9.11
N THR F 77 -16.36 -4.93 8.86
CA THR F 77 -16.42 -4.31 7.53
C THR F 77 -15.96 -5.17 6.36
N CYS F 78 -15.10 -6.15 6.58
CA CYS F 78 -14.63 -6.99 5.49
C CYS F 78 -15.66 -8.00 4.97
N VAL F 79 -16.75 -8.20 5.72
CA VAL F 79 -17.80 -9.12 5.29
C VAL F 79 -19.19 -8.50 5.46
N SER F 80 -19.27 -7.18 5.39
CA SER F 80 -20.55 -6.48 5.53
C SER F 80 -21.10 -5.95 4.21
N TYR F 81 -22.33 -6.31 3.90
CA TYR F 81 -22.99 -5.80 2.70
C TYR F 81 -23.92 -4.70 3.18
N PRO F 82 -23.90 -3.55 2.50
CA PRO F 82 -24.79 -2.48 2.95
C PRO F 82 -26.23 -2.80 2.50
N LYS F 83 -27.21 -2.49 3.35
CA LYS F 83 -28.61 -2.73 3.02
C LYS F 83 -29.37 -1.41 2.96
N SER F 84 -28.64 -0.32 3.10
CA SER F 84 -29.19 1.03 3.06
C SER F 84 -28.02 1.96 3.17
N ASP F 85 -28.30 3.27 3.19
CA ASP F 85 -27.23 4.23 3.35
C ASP F 85 -26.70 4.03 4.77
N CYS F 86 -25.39 4.12 4.95
CA CYS F 86 -24.77 3.91 6.25
C CYS F 86 -23.78 4.96 6.68
N VAL F 87 -23.61 5.05 7.99
CA VAL F 87 -22.64 5.93 8.61
C VAL F 87 -21.98 4.96 9.58
N ILE F 88 -20.71 4.68 9.34
CA ILE F 88 -19.97 3.74 10.17
C ILE F 88 -18.68 4.36 10.71
N HIS F 89 -18.40 4.11 11.99
CA HIS F 89 -17.18 4.59 12.62
C HIS F 89 -16.19 3.44 12.53
N THR F 90 -15.05 3.71 11.90
CA THR F 90 -14.03 2.70 11.69
C THR F 90 -13.00 2.60 12.81
N HIS F 91 -12.00 1.73 12.61
CA HIS F 91 -10.91 1.54 13.57
C HIS F 91 -11.39 1.30 15.00
N LYS F 92 -12.36 0.40 15.17
CA LYS F 92 -12.92 0.10 16.48
C LYS F 92 -12.44 -1.20 17.10
N GLU F 93 -11.39 -1.78 16.54
CA GLU F 93 -10.84 -3.02 17.06
C GLU F 93 -10.58 -2.96 18.57
N GLY F 94 -10.17 -1.78 19.05
CA GLY F 94 -9.90 -1.61 20.47
C GLY F 94 -11.09 -1.86 21.38
N ASP F 95 -12.29 -1.59 20.89
CA ASP F 95 -13.51 -1.80 21.67
C ASP F 95 -13.81 -3.27 21.94
N LEU F 96 -13.25 -4.16 21.12
CA LEU F 96 -13.54 -5.59 21.24
C LEU F 96 -12.56 -6.45 22.04
N TYR F 97 -12.16 -5.98 23.22
CA TYR F 97 -11.26 -6.77 24.05
C TYR F 97 -12.03 -7.31 25.26
#